data_5TIX
#
_entry.id   5TIX
#
_cell.length_a   51.676
_cell.length_b   72.627
_cell.length_c   138.695
_cell.angle_alpha   90.00
_cell.angle_beta   90.00
_cell.angle_gamma   90.00
#
_symmetry.space_group_name_H-M   'P 21 21 21'
#
loop_
_entity.id
_entity.type
_entity.pdbx_description
1 polymer Sulfotransferase
2 non-polymer "ADENOSINE-3'-5'-DIPHOSPHATE"
3 non-polymer {(2R)-7-nitro-2-[(propan-2-ylamino)methyl]-1,2,3,4-tetrahydroquinolin-6-yl}methanol
4 water water
#
_entity_poly.entity_id   1
_entity_poly.type   'polypeptide(L)'
_entity_poly.pdbx_seq_one_letter_code
;GAMSTTSTTIQVIGAGLPRTGTNSMKKALEIIYSKPCYHMYEIIFKKQSDISIWQQLIDETHKTTSDKRKIYNGLNELLN
GYIATTDLPSCSFYKELMTMYPNAKVLLTIRDKYDWLYSLRKVVLPKSTDPWKLKIEEGDQVLGIDSNFYKMSEDSLKFA
FQKNHINLDDDEILLECYDEYNRLVQEIVPPERLLIHHLGDGWESLCQFLNVDIPNGISYPCANSHHQMTQLTEQLIKHK
SLDDIIHMFPGLI
;
_entity_poly.pdbx_strand_id   A,B
#
# COMPACT_ATOMS: atom_id res chain seq x y z
N THR A 8 -3.54 11.35 -28.33
CA THR A 8 -3.71 10.44 -27.22
C THR A 8 -2.75 9.26 -27.33
N THR A 9 -2.03 8.99 -26.23
CA THR A 9 -1.06 7.90 -26.16
C THR A 9 -1.25 7.15 -24.85
N ILE A 10 -0.78 5.89 -24.85
CA ILE A 10 -0.99 5.02 -23.69
C ILE A 10 -0.20 5.54 -22.50
N GLN A 11 -0.91 5.91 -21.43
CA GLN A 11 -0.31 6.38 -20.19
C GLN A 11 -0.16 5.28 -19.16
N VAL A 12 -1.05 4.28 -19.16
CA VAL A 12 -1.05 3.23 -18.15
C VAL A 12 -1.30 1.89 -18.82
N ILE A 13 -0.48 0.90 -18.47
CA ILE A 13 -0.61 -0.47 -18.98
C ILE A 13 -1.12 -1.31 -17.82
N GLY A 14 -2.33 -1.85 -17.96
CA GLY A 14 -2.85 -2.74 -16.94
C GLY A 14 -2.45 -4.17 -17.19
N ALA A 15 -1.60 -4.73 -16.33
CA ALA A 15 -1.12 -6.09 -16.50
C ALA A 15 -1.94 -7.12 -15.73
N GLY A 16 -2.92 -6.69 -14.92
CA GLY A 16 -3.68 -7.65 -14.13
C GLY A 16 -4.51 -8.57 -14.99
N LEU A 17 -4.69 -9.79 -14.51
CA LEU A 17 -5.44 -10.81 -15.22
C LEU A 17 -6.94 -10.59 -15.06
N PRO A 18 -7.76 -11.21 -15.91
CA PRO A 18 -9.21 -11.06 -15.74
C PRO A 18 -9.66 -11.50 -14.35
N ARG A 19 -10.72 -10.85 -13.88
CA ARG A 19 -11.33 -11.11 -12.58
C ARG A 19 -10.48 -10.61 -11.40
N THR A 20 -9.61 -9.62 -11.62
CA THR A 20 -8.82 -9.00 -10.56
C THR A 20 -9.19 -7.53 -10.36
N GLY A 21 -10.32 -7.11 -10.90
CA GLY A 21 -10.74 -5.72 -10.83
C GLY A 21 -10.40 -4.89 -12.04
N THR A 22 -10.22 -5.49 -13.21
CA THR A 22 -9.78 -4.74 -14.38
C THR A 22 -10.85 -3.77 -14.86
N ASN A 23 -12.13 -4.13 -14.75
CA ASN A 23 -13.18 -3.24 -15.21
C ASN A 23 -13.30 -2.00 -14.32
N SER A 24 -13.18 -2.19 -13.01
CA SER A 24 -13.16 -1.04 -12.11
C SER A 24 -11.94 -0.16 -12.38
N MET A 25 -10.79 -0.78 -12.65
CA MET A 25 -9.59 0.00 -12.96
C MET A 25 -9.77 0.74 -14.29
N LYS A 26 -10.42 0.09 -15.26
CA LYS A 26 -10.76 0.76 -16.51
C LYS A 26 -11.56 2.03 -16.23
N LYS A 27 -12.65 1.89 -15.47
CA LYS A 27 -13.51 3.04 -15.17
C LYS A 27 -12.77 4.07 -14.33
N ALA A 28 -11.90 3.62 -13.41
CA ALA A 28 -11.14 4.55 -12.60
C ALA A 28 -10.17 5.36 -13.44
N LEU A 29 -9.52 4.72 -14.41
CA LEU A 29 -8.60 5.44 -15.28
C LEU A 29 -9.34 6.38 -16.23
N GLU A 30 -10.55 6.01 -16.66
CA GLU A 30 -11.34 6.92 -17.48
C GLU A 30 -11.73 8.17 -16.70
N ILE A 31 -12.00 8.02 -15.40
CA ILE A 31 -12.31 9.18 -14.57
C ILE A 31 -11.08 10.08 -14.43
N ILE A 32 -9.93 9.47 -14.13
CA ILE A 32 -8.72 10.25 -13.91
C ILE A 32 -8.34 11.04 -15.17
N TYR A 33 -8.37 10.38 -16.33
CA TYR A 33 -7.85 10.97 -17.55
C TYR A 33 -8.91 11.56 -18.48
N SER A 34 -10.19 11.25 -18.29
CA SER A 34 -11.26 11.75 -19.16
C SER A 34 -11.08 11.29 -20.61
N LYS A 35 -10.47 10.13 -20.80
CA LYS A 35 -10.28 9.53 -22.10
C LYS A 35 -10.45 8.02 -21.95
N PRO A 36 -10.73 7.31 -23.04
CA PRO A 36 -11.14 5.91 -22.90
C PRO A 36 -9.99 4.98 -22.52
N CYS A 37 -10.34 3.91 -21.83
CA CYS A 37 -9.43 2.83 -21.47
C CYS A 37 -9.91 1.53 -22.12
N TYR A 38 -8.99 0.76 -22.67
CA TYR A 38 -9.35 -0.49 -23.33
C TYR A 38 -9.63 -1.56 -22.28
N HIS A 39 -10.41 -2.56 -22.69
CA HIS A 39 -10.83 -3.67 -21.83
C HIS A 39 -11.45 -4.72 -22.73
N MET A 40 -11.60 -5.94 -22.19
CA MET A 40 -12.26 -6.98 -22.97
C MET A 40 -13.67 -6.56 -23.38
N TYR A 41 -14.36 -5.79 -22.52
CA TYR A 41 -15.72 -5.37 -22.81
C TYR A 41 -15.78 -4.38 -23.96
N GLU A 42 -14.68 -3.67 -24.23
CA GLU A 42 -14.61 -2.89 -25.46
C GLU A 42 -14.73 -3.79 -26.69
N ILE A 43 -14.06 -4.95 -26.66
CA ILE A 43 -14.17 -5.90 -27.76
C ILE A 43 -15.59 -6.45 -27.84
N ILE A 44 -16.10 -6.99 -26.74
CA ILE A 44 -17.37 -7.71 -26.77
C ILE A 44 -18.50 -6.78 -27.16
N PHE A 45 -18.57 -5.62 -26.54
CA PHE A 45 -19.74 -4.76 -26.66
C PHE A 45 -19.58 -3.63 -27.68
N LYS A 46 -18.37 -3.37 -28.18
CA LYS A 46 -18.19 -2.22 -29.05
C LYS A 46 -17.43 -2.54 -30.34
N LYS A 47 -16.43 -3.44 -30.30
CA LYS A 47 -15.53 -3.64 -31.44
C LYS A 47 -15.16 -5.12 -31.59
N GLN A 48 -16.14 -5.95 -31.94
CA GLN A 48 -15.83 -7.37 -32.14
C GLN A 48 -14.89 -7.58 -33.32
N SER A 49 -14.78 -6.61 -34.23
CA SER A 49 -13.82 -6.74 -35.33
C SER A 49 -12.38 -6.75 -34.85
N ASP A 50 -12.12 -6.32 -33.61
CA ASP A 50 -10.77 -6.40 -33.06
C ASP A 50 -10.33 -7.84 -32.79
N ILE A 51 -11.28 -8.78 -32.68
CA ILE A 51 -10.94 -10.15 -32.34
C ILE A 51 -9.90 -10.70 -33.31
N SER A 52 -10.16 -10.57 -34.61
CA SER A 52 -9.25 -11.14 -35.59
C SER A 52 -7.87 -10.48 -35.53
N ILE A 53 -7.81 -9.19 -35.20
CA ILE A 53 -6.51 -8.53 -35.05
C ILE A 53 -5.74 -9.15 -33.90
N TRP A 54 -6.36 -9.22 -32.71
CA TRP A 54 -5.69 -9.83 -31.58
C TRP A 54 -5.23 -11.25 -31.91
N GLN A 55 -6.05 -12.01 -32.65
CA GLN A 55 -5.68 -13.36 -33.00
C GLN A 55 -4.40 -13.40 -33.83
N GLN A 56 -4.28 -12.50 -34.81
CA GLN A 56 -3.07 -12.47 -35.63
C GLN A 56 -1.86 -12.06 -34.81
N LEU A 57 -2.05 -11.17 -33.83
CA LEU A 57 -0.93 -10.76 -32.99
C LEU A 57 -0.47 -11.90 -32.10
N ILE A 58 -1.40 -12.66 -31.53
CA ILE A 58 -1.03 -13.80 -30.70
C ILE A 58 -0.36 -14.88 -31.56
N ASP A 59 -0.89 -15.14 -32.75
CA ASP A 59 -0.26 -16.10 -33.64
C ASP A 59 1.17 -15.69 -33.96
N GLU A 60 1.40 -14.39 -34.16
CA GLU A 60 2.74 -13.93 -34.52
C GLU A 60 3.76 -14.30 -33.45
N THR A 61 3.34 -14.26 -32.18
CA THR A 61 4.26 -14.58 -31.09
C THR A 61 4.65 -16.05 -31.11
N HIS A 62 3.82 -16.93 -31.66
CA HIS A 62 4.09 -18.36 -31.68
C HIS A 62 5.11 -18.76 -32.75
N LYS A 63 5.39 -17.88 -33.71
CA LYS A 63 6.31 -18.23 -34.79
C LYS A 63 7.73 -18.37 -34.25
N THR A 64 8.55 -19.12 -35.00
CA THR A 64 9.95 -19.27 -34.64
C THR A 64 10.66 -17.92 -34.71
N THR A 65 10.36 -17.12 -35.74
CA THR A 65 10.87 -15.76 -35.86
C THR A 65 9.66 -14.84 -35.89
N SER A 66 9.47 -14.06 -34.82
CA SER A 66 8.35 -13.15 -34.69
C SER A 66 8.75 -11.77 -35.18
N ASP A 67 7.83 -11.12 -35.89
CA ASP A 67 8.04 -9.76 -36.40
C ASP A 67 7.51 -8.79 -35.36
N LYS A 68 8.40 -8.27 -34.51
CA LYS A 68 7.94 -7.45 -33.39
C LYS A 68 7.26 -6.18 -33.86
N ARG A 69 7.67 -5.63 -35.01
CA ARG A 69 7.04 -4.41 -35.50
C ARG A 69 5.66 -4.68 -36.09
N LYS A 70 5.41 -5.89 -36.58
CA LYS A 70 4.04 -6.25 -36.91
C LYS A 70 3.17 -6.22 -35.65
N ILE A 71 3.71 -6.74 -34.54
CA ILE A 71 2.96 -6.73 -33.29
C ILE A 71 2.74 -5.30 -32.80
N TYR A 72 3.81 -4.48 -32.79
CA TYR A 72 3.68 -3.09 -32.38
C TYR A 72 2.66 -2.35 -33.23
N ASN A 73 2.71 -2.56 -34.55
CA ASN A 73 1.79 -1.87 -35.44
C ASN A 73 0.35 -2.25 -35.14
N GLY A 74 0.08 -3.54 -34.94
CA GLY A 74 -1.26 -3.98 -34.60
C GLY A 74 -1.75 -3.39 -33.29
N LEU A 75 -0.90 -3.43 -32.25
CA LEU A 75 -1.28 -2.85 -30.97
C LEU A 75 -1.59 -1.37 -31.10
N ASN A 76 -0.76 -0.63 -31.84
CA ASN A 76 -0.98 0.80 -32.01
C ASN A 76 -2.33 1.07 -32.69
N GLU A 77 -2.68 0.28 -33.70
CA GLU A 77 -3.99 0.43 -34.35
C GLU A 77 -5.12 0.15 -33.37
N LEU A 78 -5.00 -0.95 -32.61
CA LEU A 78 -6.06 -1.34 -31.69
C LEU A 78 -6.26 -0.27 -30.60
N LEU A 79 -5.17 0.28 -30.08
CA LEU A 79 -5.25 1.19 -28.94
C LEU A 79 -5.30 2.65 -29.36
N ASN A 80 -5.44 2.93 -30.65
CA ASN A 80 -5.62 4.30 -31.12
C ASN A 80 -6.84 4.91 -30.46
N GLY A 81 -6.65 6.07 -29.84
CA GLY A 81 -7.72 6.76 -29.15
C GLY A 81 -7.86 6.42 -27.68
N TYR A 82 -7.07 5.47 -27.17
CA TYR A 82 -7.18 5.03 -25.79
C TYR A 82 -6.01 5.55 -24.97
N ILE A 83 -6.30 5.84 -23.71
CA ILE A 83 -5.29 6.35 -22.78
C ILE A 83 -4.70 5.24 -21.91
N ALA A 84 -5.32 4.06 -21.85
CA ALA A 84 -4.84 2.99 -21.01
C ALA A 84 -5.45 1.68 -21.50
N THR A 85 -4.95 0.57 -20.96
N THR A 85 -4.92 0.57 -20.96
CA THR A 85 -5.52 -0.73 -21.32
CA THR A 85 -5.34 -0.79 -21.27
C THR A 85 -5.48 -1.66 -20.12
C THR A 85 -5.58 -1.54 -19.97
N THR A 86 -6.51 -2.50 -20.01
CA THR A 86 -6.67 -3.44 -18.90
C THR A 86 -7.25 -4.74 -19.43
N ASP A 87 -7.11 -5.79 -18.62
CA ASP A 87 -7.70 -7.10 -18.88
C ASP A 87 -7.01 -7.82 -20.03
N LEU A 88 -7.38 -9.07 -20.26
CA LEU A 88 -7.02 -9.76 -21.50
C LEU A 88 -7.84 -9.13 -22.62
N PRO A 89 -7.35 -9.25 -23.87
CA PRO A 89 -6.08 -9.89 -24.24
C PRO A 89 -4.88 -8.96 -24.10
N SER A 90 -5.13 -7.67 -23.82
CA SER A 90 -4.05 -6.70 -23.83
C SER A 90 -3.01 -6.99 -22.76
N CYS A 91 -3.43 -7.47 -21.59
CA CYS A 91 -2.47 -7.64 -20.50
C CYS A 91 -1.40 -8.68 -20.85
N SER A 92 -1.71 -9.62 -21.74
CA SER A 92 -0.71 -10.60 -22.14
C SER A 92 0.41 -9.99 -22.98
N PHE A 93 0.23 -8.76 -23.46
CA PHE A 93 1.24 -8.05 -24.25
C PHE A 93 1.90 -6.92 -23.45
N TYR A 94 1.96 -7.05 -22.13
CA TYR A 94 2.44 -5.93 -21.33
C TYR A 94 3.92 -5.65 -21.57
N LYS A 95 4.71 -6.69 -21.85
CA LYS A 95 6.11 -6.46 -22.17
C LYS A 95 6.25 -5.64 -23.45
N GLU A 96 5.42 -5.94 -24.45
CA GLU A 96 5.47 -5.21 -25.71
C GLU A 96 4.97 -3.77 -25.54
N LEU A 97 3.89 -3.59 -24.76
CA LEU A 97 3.37 -2.25 -24.52
C LEU A 97 4.33 -1.39 -23.71
N MET A 98 5.07 -2.00 -22.78
CA MET A 98 6.10 -1.25 -22.06
C MET A 98 7.16 -0.72 -22.99
N THR A 99 7.48 -1.47 -24.04
CA THR A 99 8.56 -1.09 -24.95
C THR A 99 8.09 -0.01 -25.93
N MET A 100 6.85 -0.14 -26.43
CA MET A 100 6.29 0.89 -27.31
C MET A 100 6.07 2.20 -26.56
N TYR A 101 5.75 2.12 -25.27
CA TYR A 101 5.40 3.29 -24.46
C TYR A 101 6.29 3.29 -23.23
N PRO A 102 7.57 3.66 -23.38
CA PRO A 102 8.51 3.57 -22.26
C PRO A 102 8.14 4.44 -21.08
N ASN A 103 7.31 5.47 -21.29
CA ASN A 103 6.90 6.35 -20.21
C ASN A 103 5.56 5.95 -19.59
N ALA A 104 4.89 4.94 -20.14
CA ALA A 104 3.67 4.44 -19.54
C ALA A 104 4.00 3.68 -18.25
N LYS A 105 3.22 3.95 -17.21
CA LYS A 105 3.34 3.19 -15.98
C LYS A 105 2.53 1.90 -16.08
N VAL A 106 2.87 0.93 -15.24
CA VAL A 106 2.23 -0.38 -15.23
C VAL A 106 1.47 -0.54 -13.93
N LEU A 107 0.23 -1.02 -14.03
CA LEU A 107 -0.58 -1.37 -12.88
C LEU A 107 -0.77 -2.89 -12.88
N LEU A 108 -0.58 -3.51 -11.74
CA LEU A 108 -0.88 -4.92 -11.56
C LEU A 108 -2.02 -5.00 -10.55
N THR A 109 -3.23 -5.24 -11.04
CA THR A 109 -4.34 -5.52 -10.15
C THR A 109 -4.25 -6.97 -9.69
N ILE A 110 -4.49 -7.21 -8.40
CA ILE A 110 -4.26 -8.50 -7.79
C ILE A 110 -5.28 -8.73 -6.67
N ARG A 111 -5.49 -10.00 -6.33
CA ARG A 111 -6.44 -10.36 -5.29
C ARG A 111 -6.08 -11.75 -4.77
N ASP A 112 -6.80 -12.18 -3.75
CA ASP A 112 -6.67 -13.54 -3.22
C ASP A 112 -6.83 -14.56 -4.33
N LYS A 113 -5.86 -15.49 -4.41
CA LYS A 113 -5.82 -16.41 -5.54
C LYS A 113 -7.04 -17.33 -5.58
N TYR A 114 -7.62 -17.64 -4.42
CA TYR A 114 -8.76 -18.55 -4.39
C TYR A 114 -10.06 -17.84 -4.75
N ASP A 115 -10.23 -16.60 -4.28
CA ASP A 115 -11.32 -15.77 -4.79
C ASP A 115 -11.21 -15.58 -6.30
N TRP A 116 -9.98 -15.41 -6.80
CA TRP A 116 -9.80 -15.21 -8.23
C TRP A 116 -10.25 -16.44 -9.02
N LEU A 117 -9.77 -17.62 -8.61
CA LEU A 117 -10.14 -18.85 -9.32
C LEU A 117 -11.65 -19.03 -9.36
N TYR A 118 -12.31 -18.81 -8.22
CA TYR A 118 -13.75 -18.95 -8.17
C TYR A 118 -14.43 -18.01 -9.16
N SER A 119 -14.01 -16.75 -9.17
CA SER A 119 -14.58 -15.76 -10.07
C SER A 119 -14.36 -16.15 -11.54
N LEU A 120 -13.15 -16.66 -11.83
CA LEU A 120 -12.83 -17.07 -13.19
C LEU A 120 -13.71 -18.23 -13.65
N ARG A 121 -13.91 -19.22 -12.77
CA ARG A 121 -14.76 -20.36 -13.10
C ARG A 121 -16.22 -19.96 -13.29
N LYS A 122 -16.65 -18.83 -12.72
CA LYS A 122 -18.04 -18.41 -12.82
C LYS A 122 -18.34 -17.59 -14.06
N VAL A 123 -17.33 -16.87 -14.60
CA VAL A 123 -17.56 -15.86 -15.62
C VAL A 123 -16.77 -16.15 -16.89
N VAL A 124 -15.52 -16.59 -16.76
CA VAL A 124 -14.56 -16.57 -17.85
C VAL A 124 -14.23 -17.97 -18.35
N LEU A 125 -14.00 -18.92 -17.43
CA LEU A 125 -13.38 -20.20 -17.80
C LEU A 125 -13.97 -21.32 -16.96
N PRO A 126 -15.25 -21.62 -17.13
CA PRO A 126 -15.82 -22.79 -16.45
C PRO A 126 -15.13 -24.06 -16.93
N LYS A 127 -15.11 -25.06 -16.06
CA LYS A 127 -14.57 -26.36 -16.46
C LYS A 127 -15.43 -26.95 -17.56
N SER A 128 -14.79 -27.76 -18.43
CA SER A 128 -15.50 -28.34 -19.55
C SER A 128 -16.68 -29.21 -19.10
N THR A 129 -16.64 -29.70 -17.86
CA THR A 129 -17.70 -30.55 -17.32
C THR A 129 -18.75 -29.78 -16.55
N ASP A 130 -18.64 -28.45 -16.51
CA ASP A 130 -19.58 -27.62 -15.76
C ASP A 130 -20.76 -27.27 -16.66
N PRO A 131 -22.00 -27.62 -16.30
CA PRO A 131 -23.13 -27.27 -17.17
C PRO A 131 -23.33 -25.76 -17.33
N TRP A 132 -22.83 -24.95 -16.41
CA TRP A 132 -22.95 -23.50 -16.56
C TRP A 132 -22.21 -23.01 -17.80
N LYS A 133 -21.19 -23.75 -18.27
CA LYS A 133 -20.50 -23.37 -19.49
C LYS A 133 -21.47 -23.19 -20.66
N LEU A 134 -22.48 -24.06 -20.75
CA LEU A 134 -23.43 -23.95 -21.85
C LEU A 134 -24.30 -22.70 -21.72
N LYS A 135 -24.54 -22.24 -20.49
CA LYS A 135 -25.32 -21.03 -20.31
C LYS A 135 -24.54 -19.79 -20.72
N ILE A 136 -23.26 -19.72 -20.33
CA ILE A 136 -22.41 -18.62 -20.80
C ILE A 136 -22.44 -18.55 -22.32
N GLU A 137 -22.23 -19.70 -22.98
CA GLU A 137 -22.17 -19.71 -24.44
C GLU A 137 -23.49 -19.26 -25.06
N GLU A 138 -24.61 -19.71 -24.51
CA GLU A 138 -25.90 -19.31 -25.06
C GLU A 138 -26.10 -17.80 -24.90
N GLY A 139 -25.69 -17.26 -23.75
CA GLY A 139 -25.82 -15.82 -23.56
C GLY A 139 -24.90 -15.04 -24.47
N ASP A 140 -23.65 -15.50 -24.63
CA ASP A 140 -22.72 -14.85 -25.54
C ASP A 140 -23.24 -14.85 -26.96
N GLN A 141 -23.95 -15.92 -27.36
CA GLN A 141 -24.49 -15.97 -28.72
C GLN A 141 -25.43 -14.81 -28.98
N VAL A 142 -26.22 -14.41 -27.98
CA VAL A 142 -27.09 -13.25 -28.13
C VAL A 142 -26.27 -12.01 -28.46
N LEU A 143 -25.07 -11.90 -27.91
CA LEU A 143 -24.19 -10.77 -28.15
C LEU A 143 -23.42 -10.87 -29.46
N GLY A 144 -23.58 -11.96 -30.20
CA GLY A 144 -22.81 -12.17 -31.42
C GLY A 144 -21.46 -12.82 -31.22
N ILE A 145 -21.14 -13.24 -30.01
CA ILE A 145 -19.85 -13.85 -29.72
C ILE A 145 -19.90 -15.32 -30.13
N ASP A 146 -18.87 -15.78 -30.85
CA ASP A 146 -18.83 -17.14 -31.34
C ASP A 146 -17.45 -17.74 -31.06
N SER A 147 -17.14 -18.85 -31.74
CA SER A 147 -15.93 -19.61 -31.43
C SER A 147 -14.67 -18.82 -31.69
N ASN A 148 -14.72 -17.88 -32.65
CA ASN A 148 -13.56 -17.03 -32.91
C ASN A 148 -13.13 -16.29 -31.65
N PHE A 149 -14.10 -15.75 -30.90
CA PHE A 149 -13.77 -15.05 -29.67
C PHE A 149 -13.15 -15.98 -28.64
N TYR A 150 -13.76 -17.15 -28.46
CA TYR A 150 -13.27 -18.08 -27.44
C TYR A 150 -11.85 -18.53 -27.74
N LYS A 151 -11.53 -18.74 -29.01
CA LYS A 151 -10.16 -19.11 -29.37
C LYS A 151 -9.20 -17.98 -29.07
N MET A 152 -9.53 -16.76 -29.49
CA MET A 152 -8.65 -15.62 -29.24
C MET A 152 -8.45 -15.43 -27.74
N SER A 153 -9.53 -15.41 -26.98
CA SER A 153 -9.42 -15.18 -25.55
C SER A 153 -8.62 -16.29 -24.88
N GLU A 154 -8.91 -17.55 -25.21
CA GLU A 154 -8.16 -18.66 -24.62
C GLU A 154 -6.68 -18.56 -24.99
N ASP A 155 -6.39 -18.31 -26.28
CA ASP A 155 -5.00 -18.17 -26.71
C ASP A 155 -4.31 -17.04 -25.95
N SER A 156 -5.02 -15.94 -25.65
CA SER A 156 -4.39 -14.84 -24.95
C SER A 156 -4.09 -15.20 -23.50
N LEU A 157 -4.94 -16.00 -22.87
CA LEU A 157 -4.66 -16.48 -21.52
C LEU A 157 -3.45 -17.40 -21.52
N LYS A 158 -3.39 -18.34 -22.48
CA LYS A 158 -2.24 -19.23 -22.59
C LYS A 158 -0.97 -18.44 -22.87
N PHE A 159 -1.06 -17.37 -23.66
CA PHE A 159 0.10 -16.53 -23.93
C PHE A 159 0.56 -15.84 -22.66
N ALA A 160 -0.37 -15.30 -21.88
CA ALA A 160 0.00 -14.70 -20.59
C ALA A 160 0.70 -15.72 -19.70
N PHE A 161 0.20 -16.96 -19.69
CA PHE A 161 0.79 -18.01 -18.86
C PHE A 161 2.00 -18.67 -19.50
N GLN A 162 2.38 -18.25 -20.70
CA GLN A 162 3.57 -18.74 -21.39
C GLN A 162 3.57 -20.27 -21.48
N LYS A 163 2.42 -20.82 -21.86
CA LYS A 163 2.26 -22.24 -22.08
C LYS A 163 1.56 -22.47 -23.42
N ASN A 164 2.03 -23.46 -24.17
CA ASN A 164 1.41 -23.84 -25.43
C ASN A 164 0.31 -24.88 -25.23
N HIS A 165 0.50 -25.78 -24.27
CA HIS A 165 -0.49 -26.80 -23.95
C HIS A 165 -0.78 -26.69 -22.46
N ILE A 166 -2.07 -26.70 -22.12
CA ILE A 166 -2.51 -26.41 -20.76
C ILE A 166 -3.83 -27.15 -20.54
N ASN A 167 -3.95 -27.80 -19.39
CA ASN A 167 -5.22 -28.40 -18.98
C ASN A 167 -5.99 -27.36 -18.18
N LEU A 168 -6.83 -26.60 -18.87
CA LEU A 168 -7.55 -25.52 -18.23
C LEU A 168 -8.57 -26.00 -17.20
N ASP A 169 -8.91 -27.29 -17.22
CA ASP A 169 -9.84 -27.85 -16.22
C ASP A 169 -9.16 -28.15 -14.89
N ASP A 170 -7.85 -27.90 -14.78
CA ASP A 170 -7.06 -28.24 -13.60
C ASP A 170 -6.93 -26.98 -12.75
N ASP A 171 -7.71 -26.92 -11.67
CA ASP A 171 -7.70 -25.75 -10.78
C ASP A 171 -6.29 -25.46 -10.27
N GLU A 172 -5.54 -26.50 -9.92
N GLU A 172 -5.56 -26.52 -9.99
CA GLU A 172 -4.23 -26.28 -9.31
CA GLU A 172 -4.26 -26.39 -9.36
C GLU A 172 -3.28 -25.62 -10.30
C GLU A 172 -3.28 -25.68 -10.29
N ILE A 173 -3.34 -26.02 -11.57
CA ILE A 173 -2.45 -25.41 -12.55
C ILE A 173 -2.80 -23.95 -12.77
N LEU A 174 -4.08 -23.60 -12.71
CA LEU A 174 -4.47 -22.19 -12.83
C LEU A 174 -3.96 -21.38 -11.64
N LEU A 175 -4.09 -21.92 -10.43
CA LEU A 175 -3.62 -21.21 -9.25
C LEU A 175 -2.12 -20.93 -9.34
N GLU A 176 -1.33 -21.91 -9.78
CA GLU A 176 0.10 -21.70 -9.83
C GLU A 176 0.51 -20.81 -11.00
N CYS A 177 -0.21 -20.89 -12.12
CA CYS A 177 0.02 -19.95 -13.22
C CYS A 177 -0.33 -18.53 -12.80
N TYR A 178 -1.37 -18.37 -11.98
CA TYR A 178 -1.73 -17.04 -11.48
C TYR A 178 -0.62 -16.47 -10.63
N ASP A 179 -0.14 -17.23 -9.64
CA ASP A 179 0.95 -16.77 -8.80
C ASP A 179 2.21 -16.49 -9.62
N GLU A 180 2.53 -17.36 -10.56
CA GLU A 180 3.76 -17.19 -11.34
C GLU A 180 3.68 -15.95 -12.22
N TYR A 181 2.51 -15.73 -12.84
CA TYR A 181 2.32 -14.56 -13.69
C TYR A 181 2.50 -13.27 -12.90
N ASN A 182 1.83 -13.17 -11.75
CA ASN A 182 1.96 -11.98 -10.92
C ASN A 182 3.39 -11.79 -10.42
N ARG A 183 4.06 -12.90 -10.09
CA ARG A 183 5.45 -12.82 -9.69
C ARG A 183 6.33 -12.34 -10.84
N LEU A 184 6.05 -12.82 -12.06
CA LEU A 184 6.87 -12.45 -13.21
C LEU A 184 6.72 -10.97 -13.54
N VAL A 185 5.51 -10.42 -13.45
CA VAL A 185 5.31 -8.99 -13.65
C VAL A 185 6.23 -8.20 -12.73
N GLN A 186 6.20 -8.53 -11.43
CA GLN A 186 7.01 -7.81 -10.47
C GLN A 186 8.49 -8.01 -10.70
N GLU A 187 8.89 -9.11 -11.34
CA GLU A 187 10.28 -9.29 -11.72
C GLU A 187 10.64 -8.49 -12.97
N ILE A 188 9.71 -8.42 -13.93
CA ILE A 188 10.02 -7.82 -15.23
C ILE A 188 9.95 -6.30 -15.16
N VAL A 189 8.98 -5.74 -14.44
CA VAL A 189 8.76 -4.30 -14.43
C VAL A 189 9.66 -3.63 -13.40
N PRO A 190 10.44 -2.62 -13.78
CA PRO A 190 11.22 -1.87 -12.78
C PRO A 190 10.34 -1.38 -11.65
N PRO A 191 10.79 -1.48 -10.40
CA PRO A 191 9.91 -1.15 -9.26
C PRO A 191 9.25 0.22 -9.35
N GLU A 192 10.00 1.25 -9.78
CA GLU A 192 9.42 2.60 -9.86
C GLU A 192 8.32 2.69 -10.90
N ARG A 193 8.25 1.73 -11.81
CA ARG A 193 7.31 1.78 -12.92
C ARG A 193 6.06 0.95 -12.68
N LEU A 194 5.88 0.45 -11.45
CA LEU A 194 4.86 -0.55 -11.16
C LEU A 194 4.11 -0.19 -9.89
N LEU A 195 2.79 -0.30 -9.93
CA LEU A 195 1.95 -0.28 -8.74
C LEU A 195 1.17 -1.57 -8.67
N ILE A 196 1.24 -2.24 -7.52
CA ILE A 196 0.44 -3.42 -7.25
C ILE A 196 -0.80 -2.95 -6.50
N HIS A 197 -1.96 -3.06 -7.13
CA HIS A 197 -3.22 -2.54 -6.59
C HIS A 197 -4.07 -3.74 -6.17
N HIS A 198 -4.19 -3.95 -4.86
CA HIS A 198 -5.00 -5.03 -4.34
C HIS A 198 -6.47 -4.64 -4.32
N LEU A 199 -7.32 -5.63 -4.48
CA LEU A 199 -8.76 -5.40 -4.52
C LEU A 199 -9.20 -4.66 -3.27
N GLY A 200 -9.92 -3.55 -3.46
CA GLY A 200 -10.35 -2.72 -2.36
C GLY A 200 -9.41 -1.58 -2.00
N ASP A 201 -8.28 -1.43 -2.71
CA ASP A 201 -7.30 -0.41 -2.33
C ASP A 201 -7.78 1.01 -2.62
N GLY A 202 -8.69 1.19 -3.57
CA GLY A 202 -9.27 2.50 -3.79
C GLY A 202 -8.32 3.52 -4.43
N TRP A 203 -8.68 4.79 -4.27
CA TRP A 203 -8.03 5.88 -5.00
C TRP A 203 -6.62 6.16 -4.49
N GLU A 204 -6.38 6.01 -3.18
CA GLU A 204 -5.23 6.63 -2.54
C GLU A 204 -3.92 6.26 -3.25
N SER A 205 -3.58 4.97 -3.26
CA SER A 205 -2.30 4.54 -3.82
C SER A 205 -2.25 4.75 -5.33
N LEU A 206 -3.38 4.60 -6.03
CA LEU A 206 -3.40 4.78 -7.47
C LEU A 206 -3.12 6.23 -7.84
N CYS A 207 -3.81 7.17 -7.18
CA CYS A 207 -3.63 8.57 -7.51
C CYS A 207 -2.22 9.05 -7.19
N GLN A 208 -1.67 8.60 -6.05
CA GLN A 208 -0.29 8.95 -5.73
C GLN A 208 0.66 8.43 -6.81
N PHE A 209 0.48 7.17 -7.21
CA PHE A 209 1.33 6.57 -8.22
C PHE A 209 1.28 7.35 -9.53
N LEU A 210 0.10 7.87 -9.89
CA LEU A 210 -0.10 8.56 -11.16
C LEU A 210 0.09 10.06 -11.07
N ASN A 211 0.43 10.59 -9.89
CA ASN A 211 0.69 12.03 -9.74
C ASN A 211 -0.55 12.86 -10.03
N VAL A 212 -1.70 12.43 -9.51
CA VAL A 212 -2.94 13.19 -9.59
C VAL A 212 -3.56 13.23 -8.20
N ASP A 213 -4.54 14.12 -8.04
CA ASP A 213 -5.28 14.20 -6.80
C ASP A 213 -6.38 13.14 -6.76
N ILE A 214 -6.83 12.83 -5.56
CA ILE A 214 -7.98 11.92 -5.41
C ILE A 214 -9.23 12.62 -5.91
N PRO A 215 -10.01 11.99 -6.82
CA PRO A 215 -11.21 12.66 -7.33
C PRO A 215 -12.19 13.09 -6.25
N ASN A 216 -12.38 14.39 -6.11
CA ASN A 216 -13.30 14.96 -5.14
C ASN A 216 -14.74 14.50 -5.39
N GLY A 217 -15.29 13.71 -4.46
CA GLY A 217 -16.70 13.36 -4.53
C GLY A 217 -17.05 12.21 -5.43
N ILE A 218 -16.07 11.46 -5.93
CA ILE A 218 -16.30 10.32 -6.81
C ILE A 218 -15.71 9.10 -6.14
N SER A 219 -16.56 8.11 -5.87
CA SER A 219 -16.12 6.88 -5.21
C SER A 219 -15.45 5.95 -6.21
N TYR A 220 -14.53 5.13 -5.70
CA TYR A 220 -13.79 4.22 -6.58
C TYR A 220 -14.76 3.18 -7.16
N PRO A 221 -14.70 2.92 -8.47
CA PRO A 221 -15.68 2.03 -9.09
C PRO A 221 -15.66 0.63 -8.48
N CYS A 222 -16.85 -0.01 -8.50
CA CYS A 222 -17.06 -1.36 -7.96
C CYS A 222 -17.95 -2.09 -8.96
N ALA A 223 -17.35 -2.53 -10.06
CA ALA A 223 -18.10 -3.04 -11.21
C ALA A 223 -17.76 -4.49 -11.50
N ASN A 224 -18.70 -5.16 -12.17
CA ASN A 224 -18.43 -6.43 -12.84
C ASN A 224 -18.30 -7.63 -11.91
N SER A 225 -19.16 -7.73 -10.89
CA SER A 225 -19.13 -8.87 -10.00
C SER A 225 -19.68 -10.11 -10.70
N HIS A 226 -19.26 -11.29 -10.24
CA HIS A 226 -19.76 -12.51 -10.86
C HIS A 226 -21.26 -12.66 -10.65
N HIS A 227 -21.79 -12.11 -9.55
CA HIS A 227 -23.23 -12.11 -9.36
C HIS A 227 -23.94 -11.34 -10.47
N GLN A 228 -23.40 -10.18 -10.84
CA GLN A 228 -24.00 -9.39 -11.91
C GLN A 228 -23.80 -10.06 -13.27
N MET A 229 -22.66 -10.72 -13.47
CA MET A 229 -22.44 -11.39 -14.75
C MET A 229 -23.34 -12.60 -14.90
N THR A 230 -23.55 -13.34 -13.82
CA THR A 230 -24.49 -14.45 -13.87
C THR A 230 -25.89 -13.96 -14.24
N GLN A 231 -26.34 -12.86 -13.65
CA GLN A 231 -27.64 -12.29 -14.00
C GLN A 231 -27.68 -11.84 -15.45
N LEU A 232 -26.59 -11.23 -15.93
CA LEU A 232 -26.55 -10.79 -17.32
C LEU A 232 -26.74 -11.96 -18.27
N THR A 233 -25.97 -13.02 -18.08
CA THR A 233 -26.12 -14.21 -18.91
C THR A 233 -27.57 -14.70 -18.91
N GLU A 234 -28.18 -14.78 -17.72
CA GLU A 234 -29.54 -15.29 -17.62
C GLU A 234 -30.54 -14.39 -18.33
N GLN A 235 -30.35 -13.07 -18.25
CA GLN A 235 -31.28 -12.17 -18.90
C GLN A 235 -31.09 -12.15 -20.41
N LEU A 236 -29.85 -12.35 -20.87
CA LEU A 236 -29.61 -12.48 -22.30
C LEU A 236 -30.30 -13.71 -22.87
N ILE A 237 -30.19 -14.84 -22.16
CA ILE A 237 -30.87 -16.06 -22.60
C ILE A 237 -32.38 -15.85 -22.63
N LYS A 238 -32.92 -15.25 -21.57
CA LYS A 238 -34.36 -15.06 -21.45
C LYS A 238 -34.91 -14.15 -22.53
N HIS A 239 -34.32 -12.95 -22.68
CA HIS A 239 -34.89 -11.92 -23.53
C HIS A 239 -34.26 -11.84 -24.92
N LYS A 240 -33.11 -12.49 -25.14
CA LYS A 240 -32.49 -12.58 -26.46
C LYS A 240 -32.15 -11.21 -27.05
N SER A 241 -31.90 -10.22 -26.19
CA SER A 241 -31.64 -8.86 -26.67
C SER A 241 -30.89 -8.10 -25.59
N LEU A 242 -29.71 -7.59 -25.92
CA LEU A 242 -29.01 -6.72 -24.97
C LEU A 242 -29.76 -5.41 -24.77
N ASP A 243 -30.23 -4.81 -25.86
CA ASP A 243 -30.94 -3.54 -25.76
C ASP A 243 -32.12 -3.63 -24.80
N ASP A 244 -32.88 -4.73 -24.86
CA ASP A 244 -34.06 -4.88 -24.04
C ASP A 244 -33.75 -5.05 -22.56
N ILE A 245 -32.49 -5.35 -22.20
CA ILE A 245 -32.14 -5.66 -20.81
C ILE A 245 -31.12 -4.70 -20.21
N ILE A 246 -30.48 -3.83 -21.00
CA ILE A 246 -29.34 -3.11 -20.47
C ILE A 246 -29.74 -2.16 -19.34
N HIS A 247 -31.00 -1.71 -19.31
CA HIS A 247 -31.46 -0.89 -18.20
C HIS A 247 -31.33 -1.60 -16.85
N MET A 248 -31.20 -2.92 -16.85
CA MET A 248 -31.01 -3.66 -15.61
C MET A 248 -29.55 -3.72 -15.17
N PHE A 249 -28.60 -3.24 -15.99
CA PHE A 249 -27.18 -3.38 -15.70
C PHE A 249 -26.46 -2.05 -15.86
N PRO A 250 -26.87 -1.03 -15.13
CA PRO A 250 -26.21 0.27 -15.23
C PRO A 250 -24.78 0.20 -14.73
N GLY A 251 -23.94 1.07 -15.28
CA GLY A 251 -22.55 1.15 -14.86
C GLY A 251 -21.76 -0.11 -15.17
N LEU A 252 -22.03 -0.75 -16.30
CA LEU A 252 -21.32 -1.97 -16.69
C LEU A 252 -20.59 -1.81 -18.02
N ILE A 253 -21.30 -1.52 -19.10
CA ILE A 253 -20.69 -1.45 -20.42
C ILE A 253 -20.32 -0.02 -20.77
N THR B 8 14.33 26.94 9.24
CA THR B 8 13.96 25.99 10.27
C THR B 8 14.76 24.69 10.12
N THR B 9 15.45 24.30 11.19
CA THR B 9 16.29 23.10 11.19
C THR B 9 16.13 22.39 12.52
N ILE B 10 16.53 21.12 12.55
CA ILE B 10 16.37 20.31 13.76
C ILE B 10 17.21 20.89 14.89
N GLN B 11 16.54 21.29 15.97
CA GLN B 11 17.19 21.79 17.16
C GLN B 11 17.42 20.68 18.19
N VAL B 12 16.50 19.74 18.31
CA VAL B 12 16.52 18.74 19.36
C VAL B 12 16.25 17.36 18.76
N ILE B 13 17.03 16.38 19.18
CA ILE B 13 16.88 15.00 18.75
C ILE B 13 16.38 14.19 19.93
N GLY B 14 15.20 13.59 19.79
CA GLY B 14 14.67 12.74 20.85
C GLY B 14 15.06 11.29 20.66
N ALA B 15 15.91 10.77 21.53
CA ALA B 15 16.39 9.39 21.44
C ALA B 15 15.55 8.41 22.26
N GLY B 16 14.67 8.89 23.13
CA GLY B 16 13.89 7.99 23.96
C GLY B 16 12.96 7.11 23.15
N LEU B 17 12.71 5.92 23.68
CA LEU B 17 11.92 4.90 23.00
C LEU B 17 10.43 5.19 23.17
N PRO B 18 9.58 4.53 22.38
CA PRO B 18 8.14 4.69 22.57
C PRO B 18 7.74 4.38 24.00
N ARG B 19 6.71 5.09 24.46
CA ARG B 19 6.13 4.91 25.79
C ARG B 19 7.05 5.40 26.91
N THR B 20 7.90 6.40 26.61
CA THR B 20 8.73 7.06 27.62
C THR B 20 8.35 8.53 27.78
N GLY B 21 7.18 8.93 27.29
CA GLY B 21 6.78 10.31 27.32
C GLY B 21 7.09 11.08 26.06
N THR B 22 7.21 10.39 24.92
CA THR B 22 7.64 11.06 23.70
C THR B 22 6.60 12.05 23.20
N ASN B 23 5.31 11.75 23.39
CA ASN B 23 4.28 12.66 22.89
C ASN B 23 4.21 13.93 23.73
N SER B 24 4.37 13.80 25.04
CA SER B 24 4.43 14.98 25.89
C SER B 24 5.66 15.81 25.58
N MET B 25 6.80 15.16 25.27
CA MET B 25 7.99 15.90 24.90
C MET B 25 7.79 16.63 23.57
N LYS B 26 7.18 15.94 22.59
CA LYS B 26 6.80 16.60 21.34
C LYS B 26 6.02 17.89 21.64
N LYS B 27 4.98 17.78 22.46
CA LYS B 27 4.14 18.94 22.74
C LYS B 27 4.91 20.00 23.51
N ALA B 28 5.82 19.59 24.40
CA ALA B 28 6.62 20.52 25.17
C ALA B 28 7.57 21.31 24.26
N LEU B 29 8.21 20.62 23.31
CA LEU B 29 9.09 21.30 22.38
C LEU B 29 8.31 22.21 21.44
N GLU B 30 7.09 21.83 21.06
CA GLU B 30 6.27 22.72 20.23
C GLU B 30 5.87 23.98 21.00
N ILE B 31 5.67 23.86 22.31
CA ILE B 31 5.41 25.04 23.14
C ILE B 31 6.64 25.95 23.15
N ILE B 32 7.82 25.38 23.38
CA ILE B 32 9.04 26.17 23.53
C ILE B 32 9.37 26.91 22.24
N TYR B 33 9.30 26.21 21.11
CA TYR B 33 9.80 26.75 19.85
C TYR B 33 8.73 27.33 18.95
N SER B 34 7.45 27.04 19.20
CA SER B 34 6.36 27.48 18.34
C SER B 34 6.54 26.98 16.91
N LYS B 35 7.13 25.80 16.76
CA LYS B 35 7.31 25.13 15.49
C LYS B 35 7.04 23.65 15.70
N PRO B 36 6.74 22.91 14.62
CA PRO B 36 6.32 21.51 14.80
C PRO B 36 7.47 20.59 15.19
N CYS B 37 7.09 19.52 15.90
CA CYS B 37 7.99 18.43 16.29
C CYS B 37 7.47 17.13 15.71
N TYR B 38 8.37 16.33 15.15
CA TYR B 38 7.98 15.07 14.53
C TYR B 38 7.73 14.01 15.61
N HIS B 39 6.88 13.05 15.27
CA HIS B 39 6.47 12.01 16.22
C HIS B 39 5.75 10.94 15.42
N MET B 40 5.65 9.74 15.98
CA MET B 40 4.92 8.66 15.29
C MET B 40 3.51 9.10 14.93
N TYR B 41 2.89 9.94 15.75
CA TYR B 41 1.51 10.38 15.49
C TYR B 41 1.44 11.33 14.30
N GLU B 42 2.55 11.97 13.93
CA GLU B 42 2.58 12.70 12.67
C GLU B 42 2.36 11.76 11.49
N ILE B 43 2.96 10.56 11.55
CA ILE B 43 2.76 9.57 10.49
C ILE B 43 1.33 9.06 10.50
N ILE B 44 0.87 8.57 11.65
CA ILE B 44 -0.42 7.90 11.73
C ILE B 44 -1.55 8.84 11.37
N PHE B 45 -1.51 10.06 11.91
CA PHE B 45 -2.63 10.98 11.81
C PHE B 45 -2.47 12.10 10.79
N LYS B 46 -1.29 12.27 10.19
CA LYS B 46 -1.09 13.38 9.28
C LYS B 46 -0.39 13.00 7.98
N LYS B 47 0.57 12.07 8.01
CA LYS B 47 1.39 11.76 6.83
C LYS B 47 1.66 10.25 6.76
N GLN B 48 0.64 9.47 6.39
CA GLN B 48 0.87 8.05 6.21
C GLN B 48 1.78 7.76 5.03
N SER B 49 1.92 8.70 4.09
CA SER B 49 2.84 8.52 2.97
C SER B 49 4.30 8.46 3.41
N ASP B 50 4.61 8.86 4.65
CA ASP B 50 5.97 8.74 5.15
C ASP B 50 6.36 7.32 5.49
N ILE B 51 5.38 6.40 5.59
CA ILE B 51 5.68 5.04 6.03
C ILE B 51 6.66 4.36 5.07
N SER B 52 6.32 4.35 3.77
CA SER B 52 7.21 3.72 2.80
C SER B 52 8.58 4.38 2.79
N ILE B 53 8.65 5.68 3.05
CA ILE B 53 9.93 6.38 3.05
C ILE B 53 10.79 5.91 4.21
N TRP B 54 10.20 5.82 5.40
CA TRP B 54 10.95 5.29 6.55
C TRP B 54 11.38 3.85 6.30
N GLN B 55 10.51 3.04 5.70
CA GLN B 55 10.85 1.65 5.44
C GLN B 55 12.10 1.55 4.56
N GLN B 56 12.20 2.43 3.57
CA GLN B 56 13.37 2.43 2.69
C GLN B 56 14.65 2.80 3.44
N LEU B 57 14.56 3.69 4.43
CA LEU B 57 15.75 4.05 5.20
C LEU B 57 16.14 2.94 6.16
N ILE B 58 15.16 2.31 6.81
CA ILE B 58 15.46 1.19 7.69
C ILE B 58 16.03 0.03 6.88
N ASP B 59 15.39 -0.30 5.77
CA ASP B 59 15.90 -1.34 4.88
C ASP B 59 17.36 -1.09 4.53
N GLU B 60 17.73 0.18 4.36
CA GLU B 60 19.11 0.51 4.01
C GLU B 60 20.08 0.10 5.11
N THR B 61 19.65 0.14 6.37
CA THR B 61 20.54 -0.19 7.48
C THR B 61 20.89 -1.67 7.50
N HIS B 62 20.14 -2.52 6.81
CA HIS B 62 20.39 -3.95 6.78
C HIS B 62 21.42 -4.37 5.74
N LYS B 63 21.91 -3.44 4.93
CA LYS B 63 22.90 -3.77 3.92
C LYS B 63 24.29 -3.89 4.54
N THR B 64 25.19 -4.56 3.82
CA THR B 64 26.56 -4.66 4.28
C THR B 64 27.23 -3.29 4.28
N THR B 65 27.01 -2.50 3.23
CA THR B 65 27.38 -1.09 3.20
C THR B 65 26.08 -0.29 3.04
N SER B 66 25.60 0.29 4.14
CA SER B 66 24.44 1.16 4.06
C SER B 66 24.83 2.48 3.42
N ASP B 67 23.98 2.97 2.52
CA ASP B 67 24.21 4.24 1.84
C ASP B 67 23.88 5.35 2.82
N LYS B 68 24.87 5.76 3.61
CA LYS B 68 24.61 6.74 4.66
C LYS B 68 24.10 8.06 4.10
N ARG B 69 24.56 8.44 2.90
CA ARG B 69 24.11 9.71 2.33
C ARG B 69 22.67 9.64 1.88
N LYS B 70 22.21 8.46 1.42
CA LYS B 70 20.78 8.30 1.16
C LYS B 70 19.98 8.39 2.43
N ILE B 71 20.52 7.91 3.56
CA ILE B 71 19.85 8.04 4.84
C ILE B 71 19.77 9.51 5.25
N TYR B 72 20.90 10.22 5.20
CA TYR B 72 20.89 11.64 5.56
C TYR B 72 19.89 12.42 4.69
N ASN B 73 19.95 12.22 3.37
CA ASN B 73 19.06 12.94 2.49
C ASN B 73 17.61 12.57 2.72
N GLY B 74 17.34 11.28 2.98
CA GLY B 74 15.99 10.87 3.29
C GLY B 74 15.48 11.47 4.58
N LEU B 75 16.30 11.46 5.63
CA LEU B 75 15.90 12.06 6.89
C LEU B 75 15.67 13.55 6.75
N ASN B 76 16.50 14.23 5.95
CA ASN B 76 16.34 15.67 5.77
C ASN B 76 15.02 16.00 5.09
N GLU B 77 14.64 15.21 4.07
CA GLU B 77 13.33 15.42 3.44
C GLU B 77 12.21 15.19 4.44
N LEU B 78 12.25 14.06 5.15
CA LEU B 78 11.18 13.73 6.10
C LEU B 78 11.00 14.83 7.13
N LEU B 79 12.10 15.37 7.67
CA LEU B 79 12.06 16.31 8.77
C LEU B 79 12.06 17.77 8.31
N ASN B 80 11.84 18.03 7.03
CA ASN B 80 11.75 19.39 6.53
C ASN B 80 10.59 20.10 7.23
N GLY B 81 10.88 21.27 7.79
CA GLY B 81 9.87 22.07 8.46
C GLY B 81 9.64 21.71 9.92
N TYR B 82 10.39 20.77 10.46
CA TYR B 82 10.28 20.37 11.86
C TYR B 82 11.48 20.88 12.63
N ILE B 83 11.23 21.30 13.88
CA ILE B 83 12.29 21.78 14.76
C ILE B 83 12.85 20.68 15.65
N ALA B 84 12.21 19.51 15.69
CA ALA B 84 12.65 18.45 16.58
C ALA B 84 12.01 17.13 16.14
N THR B 85 12.42 16.03 16.76
N THR B 85 12.43 16.05 16.79
CA THR B 85 11.80 14.75 16.47
CA THR B 85 11.98 14.69 16.52
C THR B 85 11.91 13.85 17.70
C THR B 85 11.84 13.96 17.85
N THR B 86 10.85 13.07 17.92
CA THR B 86 10.75 12.17 19.07
C THR B 86 10.09 10.87 18.61
N ASP B 87 10.20 9.85 19.46
CA ASP B 87 9.55 8.55 19.26
C ASP B 87 10.16 7.78 18.10
N LEU B 88 9.75 6.53 17.93
CA LEU B 88 10.05 5.78 16.72
C LEU B 88 9.28 6.41 15.56
N PRO B 89 9.76 6.20 14.32
CA PRO B 89 10.99 5.48 13.98
C PRO B 89 12.23 6.38 14.05
N SER B 90 12.02 7.68 14.27
CA SER B 90 13.13 8.63 14.17
C SER B 90 14.17 8.42 15.28
N CYS B 91 13.74 7.96 16.46
CA CYS B 91 14.68 7.80 17.56
C CYS B 91 15.75 6.76 17.24
N SER B 92 15.42 5.77 16.41
CA SER B 92 16.41 4.75 16.06
CA SER B 92 16.39 4.75 16.04
C SER B 92 17.54 5.32 15.21
N PHE B 93 17.35 6.49 14.60
CA PHE B 93 18.37 7.15 13.79
C PHE B 93 19.06 8.29 14.54
N TYR B 94 19.14 8.21 15.88
CA TYR B 94 19.67 9.34 16.63
C TYR B 94 21.13 9.61 16.30
N LYS B 95 21.91 8.57 16.05
CA LYS B 95 23.31 8.75 15.69
C LYS B 95 23.43 9.48 14.36
N GLU B 96 22.69 9.03 13.35
CA GLU B 96 22.72 9.71 12.06
C GLU B 96 22.25 11.15 12.18
N LEU B 97 21.25 11.40 13.03
CA LEU B 97 20.73 12.75 13.19
C LEU B 97 21.73 13.66 13.89
N MET B 98 22.54 13.11 14.80
CA MET B 98 23.59 13.89 15.42
C MET B 98 24.63 14.30 14.39
N THR B 99 24.99 13.38 13.49
CA THR B 99 25.98 13.71 12.47
C THR B 99 25.44 14.75 11.49
N MET B 100 24.15 14.65 11.14
CA MET B 100 23.54 15.62 10.24
C MET B 100 23.40 16.99 10.89
N TYR B 101 23.12 17.02 12.19
CA TYR B 101 22.84 18.26 12.92
C TYR B 101 23.80 18.39 14.09
N PRO B 102 25.07 18.68 13.83
CA PRO B 102 26.05 18.75 14.93
C PRO B 102 25.69 19.76 16.00
N ASN B 103 24.86 20.76 15.67
CA ASN B 103 24.42 21.74 16.65
C ASN B 103 23.21 21.27 17.45
N ALA B 104 22.52 20.24 17.00
CA ALA B 104 21.31 19.78 17.67
C ALA B 104 21.66 19.03 18.95
N LYS B 105 20.89 19.31 20.01
CA LYS B 105 21.04 18.61 21.27
C LYS B 105 20.17 17.36 21.28
N VAL B 106 20.54 16.40 22.14
CA VAL B 106 19.87 15.11 22.23
C VAL B 106 19.14 15.01 23.55
N LEU B 107 17.90 14.52 23.50
CA LEU B 107 17.10 14.22 24.68
C LEU B 107 16.90 12.72 24.76
N LEU B 108 17.09 12.15 25.93
CA LEU B 108 16.75 10.76 26.19
C LEU B 108 15.65 10.76 27.24
N THR B 109 14.41 10.58 26.81
CA THR B 109 13.31 10.35 27.74
C THR B 109 13.38 8.90 28.21
N ILE B 110 13.11 8.71 29.50
CA ILE B 110 13.33 7.41 30.14
C ILE B 110 12.38 7.27 31.31
N ARG B 111 12.17 6.03 31.74
CA ARG B 111 11.28 5.73 32.85
C ARG B 111 11.62 4.34 33.39
N ASP B 112 10.94 3.96 34.46
CA ASP B 112 11.10 2.64 35.04
C ASP B 112 10.80 1.57 33.98
N LYS B 113 11.70 0.60 33.86
CA LYS B 113 11.61 -0.36 32.76
C LYS B 113 10.38 -1.25 32.87
N TYR B 114 9.89 -1.51 34.09
CA TYR B 114 8.70 -2.33 34.23
C TYR B 114 7.44 -1.56 33.86
N ASP B 115 7.33 -0.30 34.30
CA ASP B 115 6.28 0.58 33.81
C ASP B 115 6.31 0.66 32.29
N TRP B 116 7.50 0.79 31.71
CA TRP B 116 7.62 0.91 30.26
C TRP B 116 7.16 -0.35 29.55
N LEU B 117 7.60 -1.51 30.04
CA LEU B 117 7.20 -2.76 29.40
C LEU B 117 5.69 -2.92 29.38
N TYR B 118 5.02 -2.62 30.48
CA TYR B 118 3.57 -2.73 30.54
C TYR B 118 2.92 -1.79 29.52
N SER B 119 3.38 -0.54 29.48
CA SER B 119 2.82 0.43 28.54
C SER B 119 3.05 0.00 27.11
N LEU B 120 4.26 -0.47 26.80
CA LEU B 120 4.54 -0.97 25.45
C LEU B 120 3.62 -2.13 25.10
N ARG B 121 3.42 -3.05 26.04
CA ARG B 121 2.59 -4.22 25.76
C ARG B 121 1.12 -3.85 25.54
N LYS B 122 0.66 -2.76 26.14
CA LYS B 122 -0.74 -2.38 26.02
C LYS B 122 -1.04 -1.52 24.80
N VAL B 123 -0.05 -0.84 24.23
CA VAL B 123 -0.28 0.16 23.19
C VAL B 123 0.45 -0.18 21.90
N VAL B 124 1.70 -0.64 21.99
CA VAL B 124 2.64 -0.61 20.88
C VAL B 124 2.97 -2.00 20.36
N LEU B 125 3.35 -2.91 21.26
CA LEU B 125 3.91 -4.20 20.87
C LEU B 125 3.33 -5.27 21.77
N PRO B 126 2.04 -5.55 21.65
CA PRO B 126 1.45 -6.66 22.40
C PRO B 126 2.08 -7.97 21.96
N LYS B 127 2.01 -8.96 22.84
CA LYS B 127 2.55 -10.27 22.50
C LYS B 127 1.75 -10.86 21.34
N SER B 128 2.44 -11.60 20.47
CA SER B 128 1.80 -12.18 19.30
C SER B 128 0.63 -13.07 19.67
N THR B 129 0.58 -13.58 20.90
CA THR B 129 -0.50 -14.43 21.37
C THR B 129 -1.54 -13.66 22.20
N ASP B 130 -1.42 -12.34 22.30
CA ASP B 130 -2.36 -11.56 23.08
C ASP B 130 -3.59 -11.25 22.22
N PRO B 131 -4.80 -11.55 22.68
CA PRO B 131 -5.99 -11.21 21.89
C PRO B 131 -6.14 -9.71 21.65
N TRP B 132 -5.72 -8.88 22.61
CA TRP B 132 -5.80 -7.43 22.45
C TRP B 132 -5.07 -6.95 21.20
N LYS B 133 -4.10 -7.73 20.70
CA LYS B 133 -3.42 -7.35 19.46
C LYS B 133 -4.40 -7.25 18.29
N LEU B 134 -5.39 -8.14 18.25
CA LEU B 134 -6.40 -8.07 17.19
C LEU B 134 -7.29 -6.84 17.36
N LYS B 135 -7.57 -6.44 18.60
CA LYS B 135 -8.33 -5.22 18.84
C LYS B 135 -7.55 -3.98 18.38
N ILE B 136 -6.24 -3.95 18.63
CA ILE B 136 -5.41 -2.85 18.15
C ILE B 136 -5.44 -2.80 16.63
N GLU B 137 -5.27 -3.95 15.97
CA GLU B 137 -5.28 -3.99 14.51
C GLU B 137 -6.63 -3.54 13.96
N GLU B 138 -7.72 -3.86 14.66
CA GLU B 138 -9.04 -3.50 14.17
C GLU B 138 -9.27 -1.99 14.25
N GLY B 139 -8.93 -1.39 15.40
CA GLY B 139 -9.02 0.04 15.52
C GLY B 139 -8.08 0.77 14.59
N ASP B 140 -6.89 0.21 14.35
CA ASP B 140 -5.93 0.85 13.46
C ASP B 140 -6.41 0.89 12.02
N GLN B 141 -7.14 -0.15 11.58
CA GLN B 141 -7.67 -0.13 10.22
C GLN B 141 -8.68 1.00 10.04
N VAL B 142 -9.40 1.36 11.10
CA VAL B 142 -10.27 2.53 11.03
C VAL B 142 -9.47 3.78 10.69
N LEU B 143 -8.19 3.79 11.04
CA LEU B 143 -7.31 4.91 10.78
C LEU B 143 -6.56 4.79 9.46
N GLY B 144 -6.79 3.71 8.71
CA GLY B 144 -6.07 3.48 7.48
C GLY B 144 -4.72 2.83 7.65
N ILE B 145 -4.43 2.27 8.82
CA ILE B 145 -3.15 1.67 9.12
C ILE B 145 -3.24 0.17 8.85
N ASP B 146 -2.27 -0.36 8.09
CA ASP B 146 -2.29 -1.75 7.68
C ASP B 146 -0.93 -2.38 7.99
N SER B 147 -0.63 -3.49 7.32
CA SER B 147 0.58 -4.25 7.63
C SER B 147 1.85 -3.50 7.26
N ASN B 148 1.78 -2.59 6.27
CA ASN B 148 2.96 -1.82 5.90
C ASN B 148 3.44 -0.95 7.05
N PHE B 149 2.52 -0.46 7.89
CA PHE B 149 2.91 0.32 9.05
C PHE B 149 3.52 -0.56 10.14
N TYR B 150 2.96 -1.76 10.33
CA TYR B 150 3.48 -2.65 11.37
C TYR B 150 4.88 -3.14 11.03
N LYS B 151 5.18 -3.35 9.75
CA LYS B 151 6.52 -3.75 9.35
C LYS B 151 7.52 -2.63 9.60
N MET B 152 7.17 -1.39 9.21
CA MET B 152 8.09 -0.27 9.39
C MET B 152 8.34 0.00 10.87
N SER B 153 7.26 0.05 11.65
CA SER B 153 7.39 0.33 13.07
C SER B 153 8.16 -0.76 13.79
N GLU B 154 7.89 -2.03 13.46
CA GLU B 154 8.61 -3.14 14.09
C GLU B 154 10.06 -3.18 13.63
N ASP B 155 10.31 -3.00 12.34
CA ASP B 155 11.68 -2.94 11.87
C ASP B 155 12.44 -1.80 12.53
N SER B 156 11.77 -0.67 12.81
CA SER B 156 12.46 0.46 13.43
C SER B 156 12.85 0.14 14.86
N LEU B 157 12.02 -0.63 15.58
CA LEU B 157 12.37 -1.04 16.93
C LEU B 157 13.52 -2.03 16.93
N LYS B 158 13.52 -2.98 15.98
CA LYS B 158 14.63 -3.92 15.88
C LYS B 158 15.92 -3.20 15.52
N PHE B 159 15.84 -2.17 14.67
CA PHE B 159 17.01 -1.38 14.35
C PHE B 159 17.52 -0.63 15.59
N ALA B 160 16.61 -0.09 16.40
CA ALA B 160 17.03 0.55 17.64
C ALA B 160 17.75 -0.45 18.55
N PHE B 161 17.22 -1.66 18.65
CA PHE B 161 17.81 -2.69 19.49
C PHE B 161 18.93 -3.46 18.79
N GLN B 162 19.23 -3.11 17.54
CA GLN B 162 20.38 -3.69 16.83
C GLN B 162 20.32 -5.22 16.84
N LYS B 163 19.15 -5.75 16.49
CA LYS B 163 18.90 -7.19 16.51
C LYS B 163 18.14 -7.59 15.27
N ASN B 164 18.57 -8.67 14.63
CA ASN B 164 17.82 -9.26 13.51
C ASN B 164 16.90 -10.37 14.01
N HIS B 165 17.48 -11.38 14.64
CA HIS B 165 16.72 -12.50 15.18
C HIS B 165 16.46 -12.27 16.67
N ILE B 166 15.33 -11.64 16.96
CA ILE B 166 14.93 -11.32 18.32
C ILE B 166 13.50 -11.80 18.53
N ASN B 167 13.23 -12.38 19.70
CA ASN B 167 11.90 -12.86 20.04
C ASN B 167 11.18 -11.76 20.82
N LEU B 168 10.36 -10.98 20.12
CA LEU B 168 9.67 -9.85 20.74
C LEU B 168 8.66 -10.28 21.79
N ASP B 169 8.26 -11.54 21.80
CA ASP B 169 7.27 -12.02 22.76
C ASP B 169 7.87 -12.33 24.12
N ASP B 170 9.18 -12.24 24.28
CA ASP B 170 9.86 -12.58 25.53
C ASP B 170 10.11 -11.28 26.31
N ASP B 171 9.34 -11.09 27.39
CA ASP B 171 9.49 -9.90 28.21
C ASP B 171 10.91 -9.74 28.72
N GLU B 172 11.59 -10.86 29.01
CA GLU B 172 12.95 -10.77 29.54
C GLU B 172 13.90 -10.17 28.52
N ILE B 173 13.70 -10.47 27.24
CA ILE B 173 14.56 -9.91 26.20
C ILE B 173 14.27 -8.42 26.02
N LEU B 174 12.99 -8.04 25.99
CA LEU B 174 12.65 -6.63 25.81
C LEU B 174 13.21 -5.78 26.95
N LEU B 175 13.11 -6.26 28.19
CA LEU B 175 13.63 -5.50 29.32
C LEU B 175 15.13 -5.25 29.18
N GLU B 176 15.89 -6.24 28.71
CA GLU B 176 17.33 -6.06 28.59
C GLU B 176 17.68 -5.20 27.38
N CYS B 177 16.93 -5.33 26.28
CA CYS B 177 17.13 -4.43 25.15
C CYS B 177 16.88 -2.98 25.56
N TYR B 178 15.86 -2.75 26.38
CA TYR B 178 15.55 -1.40 26.85
C TYR B 178 16.72 -0.83 27.65
N ASP B 179 17.21 -1.59 28.63
CA ASP B 179 18.35 -1.12 29.42
C ASP B 179 19.58 -0.92 28.54
N GLU B 180 19.82 -1.84 27.59
CA GLU B 180 21.01 -1.72 26.76
C GLU B 180 20.91 -0.52 25.84
N TYR B 181 19.73 -0.28 25.25
CA TYR B 181 19.56 0.88 24.39
C TYR B 181 19.83 2.17 25.15
N ASN B 182 19.22 2.33 26.32
CA ASN B 182 19.40 3.55 27.09
C ASN B 182 20.86 3.71 27.50
N ARG B 183 21.51 2.61 27.87
CA ARG B 183 22.93 2.65 28.21
C ARG B 183 23.76 3.13 27.02
N LEU B 184 23.53 2.56 25.85
CA LEU B 184 24.31 2.92 24.68
C LEU B 184 24.15 4.40 24.34
N VAL B 185 22.94 4.94 24.49
CA VAL B 185 22.74 6.38 24.26
C VAL B 185 23.62 7.20 25.17
N GLN B 186 23.54 6.95 26.48
CA GLN B 186 24.35 7.69 27.43
C GLN B 186 25.85 7.45 27.22
N GLU B 187 26.20 6.38 26.52
CA GLU B 187 27.60 6.09 26.21
C GLU B 187 28.06 6.78 24.93
N ILE B 188 27.21 6.84 23.92
CA ILE B 188 27.60 7.37 22.61
C ILE B 188 27.55 8.90 22.60
N VAL B 189 26.58 9.48 23.29
CA VAL B 189 26.35 10.93 23.21
C VAL B 189 27.21 11.66 24.22
N PRO B 190 27.97 12.68 23.83
CA PRO B 190 28.77 13.45 24.80
C PRO B 190 27.89 14.02 25.90
N PRO B 191 28.33 13.95 27.16
CA PRO B 191 27.44 14.35 28.26
C PRO B 191 26.82 15.74 28.13
N GLU B 192 27.60 16.76 27.76
CA GLU B 192 27.03 18.11 27.70
C GLU B 192 26.01 18.24 26.56
N ARG B 193 26.06 17.36 25.57
CA ARG B 193 25.12 17.37 24.47
C ARG B 193 23.89 16.51 24.73
N LEU B 194 23.80 15.90 25.91
CA LEU B 194 22.72 14.96 26.24
C LEU B 194 22.02 15.41 27.51
N LEU B 195 20.70 15.33 27.51
CA LEU B 195 19.89 15.51 28.70
C LEU B 195 19.04 14.25 28.87
N ILE B 196 19.23 13.56 29.99
CA ILE B 196 18.37 12.44 30.35
C ILE B 196 17.18 13.01 31.12
N HIS B 197 15.98 12.83 30.57
CA HIS B 197 14.76 13.43 31.10
C HIS B 197 13.85 12.31 31.59
N HIS B 198 13.75 12.16 32.91
CA HIS B 198 12.94 11.10 33.50
C HIS B 198 11.50 11.53 33.60
N LEU B 199 10.60 10.56 33.44
CA LEU B 199 9.17 10.85 33.47
C LEU B 199 8.82 11.65 34.71
N GLY B 200 8.28 12.85 34.51
CA GLY B 200 7.93 13.75 35.58
C GLY B 200 8.92 14.87 35.85
N ASP B 201 10.00 14.97 35.07
CA ASP B 201 11.02 15.99 35.35
C ASP B 201 10.54 17.39 35.03
N GLY B 202 9.59 17.54 34.11
CA GLY B 202 9.00 18.86 33.86
C GLY B 202 9.93 19.81 33.13
N TRP B 203 9.69 21.11 33.34
CA TRP B 203 10.33 22.15 32.52
C TRP B 203 11.77 22.43 32.92
N GLU B 204 12.05 22.53 34.22
CA GLU B 204 13.30 23.12 34.69
C GLU B 204 14.50 22.56 33.95
N SER B 205 14.70 21.23 34.04
CA SER B 205 15.86 20.63 33.39
C SER B 205 15.81 20.82 31.88
N LEU B 206 14.61 20.80 31.30
CA LEU B 206 14.49 20.90 29.85
C LEU B 206 14.86 22.29 29.36
N CYS B 207 14.28 23.32 29.97
CA CYS B 207 14.51 24.70 29.52
C CYS B 207 15.95 25.13 29.80
N GLN B 208 16.49 24.76 30.95
CA GLN B 208 17.90 25.01 31.22
C GLN B 208 18.77 24.45 30.11
N PHE B 209 18.54 23.18 29.75
CA PHE B 209 19.35 22.53 28.72
C PHE B 209 19.21 23.21 27.38
N LEU B 210 18.04 23.79 27.08
CA LEU B 210 17.76 24.39 25.78
C LEU B 210 18.01 25.89 25.75
N ASN B 211 18.46 26.47 26.86
CA ASN B 211 18.79 27.90 26.91
C ASN B 211 17.55 28.77 26.69
N VAL B 212 16.41 28.32 27.21
CA VAL B 212 15.19 29.11 27.21
C VAL B 212 14.67 29.18 28.65
N ASP B 213 13.71 30.07 28.87
CA ASP B 213 13.10 30.21 30.18
C ASP B 213 11.97 29.19 30.34
N ILE B 214 11.37 29.17 31.53
CA ILE B 214 10.27 28.26 31.82
C ILE B 214 8.97 28.91 31.34
N PRO B 215 8.15 28.22 30.54
CA PRO B 215 6.89 28.83 30.10
C PRO B 215 6.06 29.33 31.27
N ASN B 216 5.65 30.59 31.18
CA ASN B 216 4.89 31.23 32.24
C ASN B 216 3.43 30.79 32.17
N GLY B 217 2.95 30.13 33.21
CA GLY B 217 1.56 29.71 33.27
C GLY B 217 1.19 28.56 32.39
N ILE B 218 2.16 27.88 31.78
CA ILE B 218 1.91 26.71 30.93
C ILE B 218 2.54 25.51 31.62
N SER B 219 1.71 24.54 32.00
CA SER B 219 2.19 23.35 32.66
C SER B 219 2.78 22.38 31.64
N TYR B 220 3.71 21.53 32.12
CA TYR B 220 4.35 20.57 31.23
C TYR B 220 3.32 19.53 30.77
N PRO B 221 3.31 19.16 29.49
CA PRO B 221 2.26 18.27 28.98
C PRO B 221 2.29 16.91 29.66
N CYS B 222 1.11 16.28 29.73
CA CYS B 222 0.94 14.95 30.31
C CYS B 222 -0.06 14.22 29.41
N ALA B 223 0.45 13.61 28.34
CA ALA B 223 -0.39 13.11 27.26
C ALA B 223 -0.07 11.65 26.94
N ASN B 224 -1.04 11.00 26.28
CA ASN B 224 -0.82 9.71 25.64
C ASN B 224 -0.71 8.56 26.63
N SER B 225 -1.56 8.54 27.65
CA SER B 225 -1.53 7.44 28.60
C SER B 225 -2.09 6.17 27.98
N HIS B 226 -1.69 5.02 28.52
CA HIS B 226 -2.22 3.76 28.02
C HIS B 226 -3.72 3.65 28.29
N HIS B 227 -4.20 4.26 29.38
CA HIS B 227 -5.63 4.29 29.63
C HIS B 227 -6.35 5.01 28.50
N GLN B 228 -5.80 6.14 28.03
CA GLN B 228 -6.43 6.88 26.94
C GLN B 228 -6.33 6.13 25.61
N MET B 229 -5.21 5.43 25.39
CA MET B 229 -5.04 4.73 24.11
C MET B 229 -5.93 3.49 24.05
N THR B 230 -6.12 2.81 25.18
CA THR B 230 -7.07 1.70 25.22
C THR B 230 -8.47 2.19 24.87
N GLN B 231 -8.89 3.31 25.45
CA GLN B 231 -10.21 3.85 25.15
C GLN B 231 -10.29 4.30 23.69
N LEU B 232 -9.20 4.80 23.12
CA LEU B 232 -9.21 5.20 21.72
C LEU B 232 -9.44 4.00 20.81
N THR B 233 -8.74 2.90 21.06
CA THR B 233 -8.97 1.69 20.28
C THR B 233 -10.41 1.21 20.44
N GLU B 234 -10.92 1.20 21.68
CA GLU B 234 -12.28 0.77 21.92
C GLU B 234 -13.29 1.63 21.18
N GLN B 235 -13.10 2.95 21.20
CA GLN B 235 -14.06 3.85 20.55
C GLN B 235 -13.91 3.85 19.03
N LEU B 236 -12.71 3.56 18.52
CA LEU B 236 -12.55 3.42 17.08
C LEU B 236 -13.26 2.18 16.56
N ILE B 237 -13.24 1.09 17.33
CA ILE B 237 -13.94 -0.12 16.93
C ILE B 237 -15.44 0.10 16.97
N LYS B 238 -15.94 0.75 18.02
CA LYS B 238 -17.38 0.91 18.20
C LYS B 238 -17.98 1.82 17.15
N HIS B 239 -17.32 2.93 16.82
CA HIS B 239 -17.90 3.95 15.97
C HIS B 239 -17.32 3.95 14.56
N LYS B 240 -16.23 3.23 14.32
CA LYS B 240 -15.65 3.09 12.98
C LYS B 240 -15.34 4.44 12.31
N SER B 241 -15.15 5.49 13.10
CA SER B 241 -14.82 6.81 12.56
C SER B 241 -14.00 7.58 13.58
N LEU B 242 -12.85 8.12 13.13
CA LEU B 242 -12.05 8.97 14.00
C LEU B 242 -12.73 10.31 14.21
N ASP B 243 -13.19 10.94 13.12
CA ASP B 243 -13.87 12.22 13.24
C ASP B 243 -15.03 12.16 14.23
N ASP B 244 -15.75 11.03 14.26
CA ASP B 244 -16.91 10.91 15.13
C ASP B 244 -16.54 10.80 16.60
N ILE B 245 -15.28 10.52 16.92
CA ILE B 245 -14.88 10.27 18.31
C ILE B 245 -13.77 11.20 18.79
N ILE B 246 -13.18 12.03 17.91
CA ILE B 246 -12.01 12.80 18.31
C ILE B 246 -12.34 13.75 19.47
N HIS B 247 -13.60 14.19 19.56
CA HIS B 247 -13.99 15.06 20.67
C HIS B 247 -13.85 14.39 22.03
N MET B 248 -13.69 13.06 22.09
CA MET B 248 -13.47 12.38 23.35
C MET B 248 -12.01 12.34 23.76
N PHE B 249 -11.09 12.79 22.91
CA PHE B 249 -9.65 12.67 23.15
C PHE B 249 -8.95 14.00 22.90
N PRO B 250 -9.29 15.02 23.70
CA PRO B 250 -8.64 16.33 23.52
C PRO B 250 -7.16 16.28 23.85
N GLY B 251 -6.40 17.13 23.17
CA GLY B 251 -4.98 17.24 23.41
C GLY B 251 -4.23 15.94 23.21
N LEU B 252 -4.47 15.27 22.09
CA LEU B 252 -3.78 14.02 21.81
C LEU B 252 -3.11 14.04 20.44
N ILE B 253 -3.88 14.33 19.39
CA ILE B 253 -3.31 14.38 18.04
C ILE B 253 -2.97 15.82 17.65
#